data_6ZT3
#
_entry.id   6ZT3
#
_cell.length_a   76.985
_cell.length_b   76.985
_cell.length_c   261.476
_cell.angle_alpha   90.000
_cell.angle_beta   90.000
_cell.angle_gamma   120.000
#
_symmetry.space_group_name_H-M   'P 61 2 2'
#
loop_
_entity.id
_entity.type
_entity.pdbx_description
1 polymer 'DNA gyrase subunit B'
2 non-polymer 'PHOSPHOAMINOPHOSPHONIC ACID-ADENYLATE ESTER'
3 non-polymer 'MAGNESIUM ION'
4 non-polymer 1,2-ETHANEDIOL
5 non-polymer 'SODIUM ION'
6 non-polymer 'POTASSIUM ION'
7 water water
#
_entity_poly.entity_id   1
_entity_poly.type   'polypeptide(L)'
_entity_poly.pdbx_seq_one_letter_code
;SMAAQKNNAPKEYGADSITILEGLEAVRKRPGMYIGSTGERGLHHLIWEVVDNAVDEAMAGFATRVDVKIHADGSVEVRD
DGRGIPVEMHATGMPTIDVVMTQLHAGGKFDGETYAVSGGLHGVGVSVVNALSTRLEATVLRDGYEWFQYYDRSVPGKLK
QGGETKETGTTIRFWADPEIFETTDYNFETVARRLQEMAFLNKGLTIELTDERVTAEEVVDDVVKDTAEAPKTADEKAAE
ATGPSKVKHRVFHYPGGLVDYVKHINRTKTPIQQSIIDFDGKGPGHEVEIAMQWNAGYSESVHTFANTINTHEGGTHEEG
FRAALTSVVNRYAKDKKLLKDKDPNLTGDDIREGLAAVISVKVAEPQFEGQTKTKLGNTEVKSFVQKICNEQLQHWFEAN
PAEAKTVVNKAVSSAQARIAARKARELV
;
_entity_poly.pdbx_strand_id   A
#
# COMPACT_ATOMS: atom_id res chain seq x y z
N SER A 1 9.55 -45.11 33.32
CA SER A 1 10.04 -45.63 34.63
C SER A 1 9.53 -44.71 35.74
N MET A 2 9.58 -45.18 37.00
CA MET A 2 9.27 -44.36 38.20
C MET A 2 10.11 -43.09 38.18
N ALA A 3 11.41 -43.21 37.89
CA ALA A 3 12.39 -42.10 37.99
C ALA A 3 12.01 -40.96 37.03
N ALA A 4 11.44 -41.29 35.87
CA ALA A 4 11.04 -40.33 34.81
C ALA A 4 9.84 -39.48 35.29
N GLN A 5 9.00 -40.00 36.18
CA GLN A 5 7.72 -39.35 36.60
C GLN A 5 8.04 -38.06 37.39
N LYS A 6 7.35 -36.97 37.04
CA LYS A 6 7.59 -35.59 37.53
C LYS A 6 6.28 -34.99 38.06
N ASN A 7 6.36 -34.02 38.97
CA ASN A 7 5.19 -33.24 39.43
C ASN A 7 4.99 -32.07 38.46
N ASN A 8 4.36 -32.34 37.31
CA ASN A 8 4.25 -31.40 36.17
C ASN A 8 2.78 -31.15 35.80
N ALA A 9 1.84 -31.36 36.75
CA ALA A 9 0.41 -31.00 36.59
C ALA A 9 0.32 -29.50 36.25
N PRO A 10 -0.59 -29.12 35.31
CA PRO A 10 -0.67 -27.72 34.87
C PRO A 10 -1.05 -26.76 36.01
N LYS A 11 -0.51 -25.54 35.99
CA LYS A 11 -0.83 -24.45 36.95
C LYS A 11 -2.34 -24.17 36.91
N GLU A 12 -2.92 -23.76 38.04
CA GLU A 12 -4.35 -23.34 38.13
C GLU A 12 -4.59 -22.21 37.13
N TYR A 13 -5.72 -22.27 36.42
CA TYR A 13 -6.19 -21.23 35.48
C TYR A 13 -7.16 -20.33 36.23
N GLY A 14 -6.68 -19.17 36.69
CA GLY A 14 -7.50 -18.22 37.45
C GLY A 14 -7.33 -16.79 36.94
N ALA A 15 -7.83 -15.82 37.70
CA ALA A 15 -7.76 -14.38 37.36
C ALA A 15 -6.31 -13.98 37.05
N ASP A 16 -5.35 -14.48 37.83
CA ASP A 16 -3.93 -14.03 37.69
C ASP A 16 -3.31 -14.62 36.41
N SER A 17 -3.94 -15.59 35.78
CA SER A 17 -3.55 -16.12 34.44
C SER A 17 -3.78 -15.07 33.34
N ILE A 18 -4.66 -14.09 33.58
CA ILE A 18 -5.05 -13.05 32.58
C ILE A 18 -4.19 -11.80 32.84
N THR A 19 -3.35 -11.47 31.85
CA THR A 19 -2.43 -10.31 31.84
C THR A 19 -2.97 -9.26 30.89
N ILE A 20 -2.81 -7.97 31.23
CA ILE A 20 -3.16 -6.85 30.32
C ILE A 20 -1.85 -6.19 29.89
N LEU A 21 -1.63 -6.08 28.59
CA LEU A 21 -0.43 -5.39 28.06
C LEU A 21 -0.77 -3.92 27.88
N GLU A 22 0.17 -3.04 28.24
CA GLU A 22 0.15 -1.62 27.81
C GLU A 22 0.26 -1.57 26.29
N GLY A 23 -0.12 -0.45 25.68
CA GLY A 23 -0.15 -0.35 24.20
C GLY A 23 1.17 -0.72 23.56
N LEU A 24 2.25 0.00 23.87
CA LEU A 24 3.51 -0.24 23.13
C LEU A 24 4.07 -1.61 23.54
N GLU A 25 3.78 -2.07 24.77
CA GLU A 25 4.13 -3.44 25.21
C GLU A 25 3.46 -4.46 24.28
N ALA A 26 2.21 -4.22 23.88
CA ALA A 26 1.46 -5.12 22.98
C ALA A 26 2.12 -5.19 21.59
N VAL A 27 2.68 -4.07 21.12
CA VAL A 27 3.39 -4.04 19.81
C VAL A 27 4.67 -4.88 19.93
N ARG A 28 5.41 -4.72 21.04
CA ARG A 28 6.68 -5.44 21.19
C ARG A 28 6.42 -6.93 21.44
N LYS A 29 5.32 -7.27 22.12
CA LYS A 29 5.03 -8.68 22.47
C LYS A 29 4.44 -9.39 21.25
N ARG A 30 3.66 -8.68 20.43
CA ARG A 30 2.91 -9.27 19.28
C ARG A 30 3.12 -8.42 18.04
N PRO A 31 4.37 -8.24 17.58
CA PRO A 31 4.63 -7.35 16.44
C PRO A 31 3.89 -7.77 15.16
N GLY A 32 3.67 -9.08 15.00
CA GLY A 32 2.94 -9.63 13.84
C GLY A 32 1.57 -9.00 13.66
N MET A 33 0.87 -8.68 14.76
N MET A 33 0.87 -8.69 14.76
CA MET A 33 -0.46 -8.03 14.67
CA MET A 33 -0.44 -8.00 14.73
C MET A 33 -0.34 -6.72 13.87
C MET A 33 -0.34 -6.72 13.90
N TYR A 34 0.80 -6.03 13.98
CA TYR A 34 0.99 -4.66 13.44
C TYR A 34 1.81 -4.67 12.14
N ILE A 35 2.78 -5.57 12.00
CA ILE A 35 3.74 -5.51 10.85
C ILE A 35 3.86 -6.85 10.13
N GLY A 36 3.09 -7.87 10.53
CA GLY A 36 3.06 -9.17 9.83
C GLY A 36 4.09 -10.16 10.35
N SER A 37 5.35 -9.74 10.45
N SER A 37 5.35 -9.73 10.47
CA SER A 37 6.48 -10.60 10.89
CA SER A 37 6.52 -10.59 10.76
C SER A 37 7.63 -9.73 11.36
C SER A 37 7.66 -9.74 11.32
N THR A 38 8.59 -10.33 12.07
CA THR A 38 9.85 -9.66 12.49
C THR A 38 10.94 -10.00 11.46
N GLY A 39 10.57 -10.65 10.36
CA GLY A 39 11.46 -10.83 9.20
C GLY A 39 11.50 -9.60 8.31
N GLU A 40 12.08 -9.75 7.13
CA GLU A 40 12.33 -8.64 6.17
C GLU A 40 11.02 -7.88 5.88
N ARG A 41 9.90 -8.59 5.72
CA ARG A 41 8.58 -8.00 5.38
C ARG A 41 8.17 -6.97 6.44
N GLY A 42 8.26 -7.34 7.71
CA GLY A 42 7.94 -6.44 8.84
C GLY A 42 8.95 -5.31 8.99
N LEU A 43 10.23 -5.57 8.77
CA LEU A 43 11.24 -4.48 8.87
C LEU A 43 10.85 -3.34 7.92
N HIS A 44 10.55 -3.67 6.66
CA HIS A 44 10.20 -2.66 5.64
C HIS A 44 8.91 -1.93 6.01
N HIS A 45 8.03 -2.58 6.77
N HIS A 45 8.02 -2.57 6.77
CA HIS A 45 6.74 -1.96 7.19
CA HIS A 45 6.74 -1.94 7.18
C HIS A 45 7.00 -0.70 8.02
C HIS A 45 6.99 -0.69 8.02
N LEU A 46 8.11 -0.64 8.76
CA LEU A 46 8.47 0.58 9.52
C LEU A 46 8.66 1.75 8.55
N ILE A 47 9.33 1.54 7.43
CA ILE A 47 9.49 2.59 6.40
C ILE A 47 8.10 2.94 5.85
N TRP A 48 7.31 1.92 5.50
CA TRP A 48 5.99 2.18 4.89
C TRP A 48 5.17 3.10 5.81
N GLU A 49 5.16 2.84 7.12
CA GLU A 49 4.30 3.61 8.05
C GLU A 49 4.71 5.07 8.01
N VAL A 50 6.02 5.33 8.04
CA VAL A 50 6.52 6.72 8.11
C VAL A 50 6.29 7.40 6.76
N VAL A 51 6.58 6.72 5.66
CA VAL A 51 6.41 7.32 4.31
C VAL A 51 4.92 7.54 4.04
N ASP A 52 4.04 6.61 4.45
CA ASP A 52 2.57 6.75 4.25
C ASP A 52 2.10 8.07 4.88
N ASN A 53 2.62 8.43 6.05
CA ASN A 53 2.19 9.68 6.74
C ASN A 53 2.62 10.90 5.93
N ALA A 54 3.79 10.85 5.31
CA ALA A 54 4.27 11.93 4.43
C ALA A 54 3.40 12.00 3.17
N VAL A 55 3.11 10.84 2.57
CA VAL A 55 2.21 10.76 1.38
C VAL A 55 0.83 11.32 1.73
N ASP A 56 0.33 11.06 2.94
CA ASP A 56 -0.99 11.59 3.36
C ASP A 56 -0.96 13.12 3.36
N GLU A 57 0.16 13.75 3.77
CA GLU A 57 0.30 15.23 3.68
C GLU A 57 0.26 15.67 2.21
N ALA A 58 0.86 14.89 1.30
CA ALA A 58 0.89 15.21 -0.14
C ALA A 58 -0.52 15.10 -0.72
N MET A 59 -1.27 14.04 -0.35
CA MET A 59 -2.63 13.82 -0.88
C MET A 59 -3.54 14.96 -0.41
N ALA A 60 -3.28 15.53 0.76
CA ALA A 60 -4.06 16.67 1.31
C ALA A 60 -3.68 17.97 0.59
N GLY A 61 -2.54 17.99 -0.11
CA GLY A 61 -2.11 19.15 -0.91
C GLY A 61 -1.05 20.01 -0.22
N PHE A 62 -0.57 19.62 0.97
CA PHE A 62 0.36 20.45 1.78
C PHE A 62 1.81 20.09 1.44
N ALA A 63 2.12 18.81 1.29
CA ALA A 63 3.49 18.34 0.94
C ALA A 63 3.63 18.23 -0.59
N THR A 64 4.80 18.59 -1.11
CA THR A 64 5.16 18.45 -2.55
C THR A 64 6.30 17.45 -2.73
N ARG A 65 6.98 17.06 -1.67
CA ARG A 65 8.23 16.29 -1.78
C ARG A 65 8.39 15.41 -0.54
N VAL A 66 8.88 14.20 -0.75
CA VAL A 66 9.27 13.27 0.35
C VAL A 66 10.70 12.84 0.07
N ASP A 67 11.57 13.02 1.05
CA ASP A 67 13.00 12.66 0.96
C ASP A 67 13.20 11.49 1.92
N VAL A 68 13.65 10.35 1.40
CA VAL A 68 13.95 9.15 2.22
C VAL A 68 15.45 8.89 2.17
N LYS A 69 16.10 8.77 3.33
CA LYS A 69 17.56 8.48 3.40
C LYS A 69 17.76 7.28 4.32
N ILE A 70 18.45 6.26 3.83
CA ILE A 70 18.98 5.17 4.69
C ILE A 70 20.40 5.56 5.06
N HIS A 71 20.61 5.89 6.33
CA HIS A 71 21.91 6.32 6.88
C HIS A 71 22.84 5.11 7.01
N ALA A 72 24.15 5.38 7.02
CA ALA A 72 25.22 4.37 7.18
C ALA A 72 25.01 3.60 8.49
N ASP A 73 24.43 4.24 9.52
CA ASP A 73 24.20 3.60 10.84
C ASP A 73 22.96 2.70 10.82
N GLY A 74 22.24 2.57 9.69
CA GLY A 74 21.08 1.69 9.57
C GLY A 74 19.77 2.36 9.97
N SER A 75 19.81 3.62 10.38
CA SER A 75 18.61 4.44 10.65
C SER A 75 17.99 4.86 9.32
N VAL A 76 16.69 5.08 9.32
CA VAL A 76 15.94 5.60 8.14
C VAL A 76 15.39 6.97 8.52
N GLU A 77 15.55 7.94 7.63
CA GLU A 77 15.11 9.34 7.81
C GLU A 77 14.13 9.68 6.69
N VAL A 78 12.97 10.18 7.06
CA VAL A 78 11.90 10.55 6.10
C VAL A 78 11.52 11.99 6.37
N ARG A 79 11.67 12.83 5.37
CA ARG A 79 11.36 14.28 5.48
C ARG A 79 10.22 14.59 4.50
N ASP A 80 9.28 15.39 4.96
CA ASP A 80 8.24 15.98 4.08
C ASP A 80 8.17 17.49 4.33
N ASP A 81 7.64 18.22 3.36
CA ASP A 81 7.38 19.68 3.47
C ASP A 81 5.88 19.93 3.70
N GLY A 82 5.20 19.04 4.43
CA GLY A 82 3.78 19.21 4.80
C GLY A 82 3.59 20.14 5.99
N ARG A 83 2.52 19.96 6.75
CA ARG A 83 2.08 20.92 7.80
C ARG A 83 2.89 20.75 9.10
N GLY A 84 3.61 19.65 9.26
CA GLY A 84 4.27 19.31 10.53
C GLY A 84 3.33 18.62 11.51
N ILE A 85 3.86 17.70 12.32
CA ILE A 85 3.11 17.12 13.47
C ILE A 85 2.98 18.22 14.51
N PRO A 86 1.77 18.52 15.03
CA PRO A 86 1.65 19.48 16.12
C PRO A 86 2.52 19.11 17.32
N VAL A 87 3.18 20.11 17.91
CA VAL A 87 4.05 19.93 19.10
C VAL A 87 3.40 20.57 20.34
N GLU A 88 2.38 21.43 20.16
CA GLU A 88 1.65 22.04 21.30
C GLU A 88 1.07 20.94 22.20
N MET A 89 0.89 21.28 23.46
CA MET A 89 0.37 20.33 24.47
C MET A 89 -1.02 19.86 24.02
N HIS A 90 -1.19 18.56 24.00
CA HIS A 90 -2.48 17.86 23.79
C HIS A 90 -3.32 17.96 25.07
N ALA A 91 -4.63 17.79 24.95
CA ALA A 91 -5.55 17.74 26.10
C ALA A 91 -5.03 16.75 27.16
N THR A 92 -4.35 15.66 26.77
CA THR A 92 -3.85 14.61 27.70
C THR A 92 -2.66 15.13 28.52
N GLY A 93 -2.07 16.25 28.13
CA GLY A 93 -1.06 16.95 28.95
C GLY A 93 0.36 16.70 28.49
N MET A 94 0.55 15.95 27.42
CA MET A 94 1.90 15.81 26.81
C MET A 94 1.90 16.50 25.45
N PRO A 95 3.09 16.84 24.92
CA PRO A 95 3.18 17.36 23.55
C PRO A 95 2.44 16.41 22.59
N THR A 96 1.71 16.98 21.64
CA THR A 96 0.85 16.19 20.73
C THR A 96 1.71 15.14 20.00
N ILE A 97 2.95 15.49 19.62
CA ILE A 97 3.82 14.49 18.93
C ILE A 97 4.03 13.29 19.88
N ASP A 98 4.20 13.52 21.18
CA ASP A 98 4.39 12.40 22.15
C ASP A 98 3.12 11.52 22.19
N VAL A 99 1.94 12.12 22.07
CA VAL A 99 0.67 11.35 22.09
C VAL A 99 0.71 10.35 20.94
N VAL A 100 0.97 10.81 19.72
CA VAL A 100 0.89 9.91 18.56
C VAL A 100 2.03 8.87 18.66
N MET A 101 3.22 9.25 19.13
CA MET A 101 4.38 8.32 19.22
C MET A 101 4.16 7.25 20.31
N THR A 102 3.35 7.49 21.34
CA THR A 102 3.30 6.61 22.54
C THR A 102 1.92 5.98 22.74
N GLN A 103 0.87 6.44 22.06
CA GLN A 103 -0.51 5.92 22.30
C GLN A 103 -1.03 5.24 21.02
N LEU A 104 -1.62 4.06 21.16
CA LEU A 104 -2.33 3.39 20.06
C LEU A 104 -3.73 4.02 19.91
N HIS A 105 -4.23 4.01 18.69
CA HIS A 105 -5.57 4.54 18.32
C HIS A 105 -5.63 6.04 18.63
N ALA A 106 -4.57 6.79 18.27
CA ALA A 106 -4.48 8.25 18.43
C ALA A 106 -4.04 8.89 17.12
N GLY A 107 -4.81 9.83 16.60
CA GLY A 107 -4.43 10.48 15.34
C GLY A 107 -5.45 11.48 14.83
N GLY A 108 -5.13 12.03 13.66
CA GLY A 108 -5.91 13.07 12.98
C GLY A 108 -6.73 12.53 11.82
N LYS A 109 -6.84 11.19 11.67
CA LYS A 109 -7.49 10.58 10.49
C LYS A 109 -8.74 9.78 10.88
N PHE A 110 -9.33 10.07 12.04
CA PHE A 110 -10.60 9.43 12.48
C PHE A 110 -11.81 10.17 11.88
N ASP A 111 -11.61 11.35 11.30
CA ASP A 111 -12.65 12.04 10.50
C ASP A 111 -11.98 12.54 9.22
N GLY A 112 -12.66 13.41 8.47
CA GLY A 112 -12.14 13.97 7.21
C GLY A 112 -11.72 15.43 7.33
N GLU A 113 -11.53 15.95 8.55
CA GLU A 113 -11.31 17.39 8.83
C GLU A 113 -9.85 17.79 8.59
N THR A 114 -8.92 16.87 8.85
CA THR A 114 -7.46 17.14 8.79
C THR A 114 -6.90 16.57 7.48
N TYR A 115 -7.38 15.38 7.10
CA TYR A 115 -7.08 14.65 5.84
C TYR A 115 -8.39 14.13 5.27
N ALA A 116 -8.81 14.64 4.11
CA ALA A 116 -10.07 14.22 3.46
C ALA A 116 -9.95 12.76 3.03
N VAL A 117 -8.80 12.44 2.45
CA VAL A 117 -8.50 11.11 1.86
C VAL A 117 -7.09 10.73 2.25
N SER A 118 -6.93 9.67 3.03
CA SER A 118 -5.62 9.27 3.61
C SER A 118 -5.49 7.74 3.63
N GLY A 119 -4.27 7.25 3.46
CA GLY A 119 -3.96 5.83 3.71
C GLY A 119 -4.01 5.53 5.19
N GLY A 120 -3.64 6.51 6.01
CA GLY A 120 -3.74 6.43 7.48
C GLY A 120 -5.20 6.40 7.93
N LEU A 121 -5.53 5.58 8.93
CA LEU A 121 -6.89 5.56 9.51
C LEU A 121 -6.93 4.98 10.93
N HIS A 122 -5.89 4.27 11.38
CA HIS A 122 -5.96 3.54 12.68
C HIS A 122 -5.41 4.32 13.86
N GLY A 123 -4.57 5.32 13.62
CA GLY A 123 -3.84 6.03 14.71
C GLY A 123 -2.82 5.13 15.39
N VAL A 124 -2.13 4.28 14.62
CA VAL A 124 -1.23 3.22 15.17
C VAL A 124 0.19 3.31 14.57
N GLY A 125 0.31 3.63 13.29
CA GLY A 125 1.54 3.47 12.49
C GLY A 125 2.80 3.97 13.18
N VAL A 126 2.84 5.25 13.54
N VAL A 126 2.86 5.28 13.52
CA VAL A 126 4.09 5.90 14.04
CA VAL A 126 4.10 5.91 14.08
C VAL A 126 4.38 5.41 15.47
C VAL A 126 4.39 5.31 15.46
N SER A 127 3.35 4.99 16.24
CA SER A 127 3.54 4.38 17.57
C SER A 127 4.19 3.01 17.42
N VAL A 128 3.85 2.25 16.38
CA VAL A 128 4.49 0.93 16.10
C VAL A 128 5.98 1.18 15.81
N VAL A 129 6.29 2.16 14.97
CA VAL A 129 7.70 2.43 14.56
C VAL A 129 8.49 2.78 15.83
N ASN A 130 7.93 3.65 16.65
CA ASN A 130 8.56 4.03 17.95
C ASN A 130 8.75 2.78 18.83
N ALA A 131 7.69 1.98 19.02
CA ALA A 131 7.73 0.78 19.87
C ALA A 131 8.82 -0.18 19.43
N LEU A 132 9.04 -0.29 18.11
CA LEU A 132 9.96 -1.31 17.56
C LEU A 132 11.30 -0.69 17.15
N SER A 133 11.57 0.53 17.63
CA SER A 133 12.86 1.23 17.44
C SER A 133 13.56 1.42 18.79
N THR A 134 14.89 1.28 18.83
CA THR A 134 15.67 1.64 20.04
C THR A 134 15.67 3.16 20.22
N ARG A 135 15.51 3.90 19.13
CA ARG A 135 15.52 5.38 19.15
C ARG A 135 14.66 5.89 17.99
N LEU A 136 13.96 6.99 18.23
CA LEU A 136 13.29 7.76 17.17
C LEU A 136 13.53 9.24 17.46
N GLU A 137 13.89 9.99 16.42
CA GLU A 137 14.04 11.45 16.51
C GLU A 137 13.03 12.09 15.56
N ALA A 138 12.43 13.18 16.01
CA ALA A 138 11.53 14.00 15.18
C ALA A 138 12.07 15.44 15.15
N THR A 139 12.09 16.02 13.95
CA THR A 139 12.26 17.47 13.74
C THR A 139 11.00 17.98 13.06
N VAL A 140 10.27 18.86 13.74
CA VAL A 140 9.06 19.49 13.15
C VAL A 140 9.36 20.96 12.90
N LEU A 141 9.09 21.43 11.69
CA LEU A 141 9.15 22.87 11.37
C LEU A 141 7.72 23.40 11.45
N ARG A 142 7.45 24.28 12.41
CA ARG A 142 6.07 24.81 12.61
C ARG A 142 6.11 26.12 13.38
N ASP A 143 5.13 26.99 13.11
CA ASP A 143 4.90 28.21 13.93
C ASP A 143 6.17 29.05 14.03
N GLY A 144 6.99 29.07 12.98
CA GLY A 144 8.16 29.95 12.89
C GLY A 144 9.42 29.35 13.49
N TYR A 145 9.39 28.07 13.88
CA TYR A 145 10.55 27.44 14.56
C TYR A 145 10.75 25.96 14.20
N GLU A 146 11.99 25.51 14.34
CA GLU A 146 12.35 24.08 14.43
C GLU A 146 12.00 23.58 15.83
N TRP A 147 11.47 22.36 15.91
CA TRP A 147 11.18 21.66 17.18
C TRP A 147 11.85 20.29 17.11
N PHE A 148 12.50 19.88 18.18
CA PHE A 148 13.21 18.59 18.26
C PHE A 148 12.63 17.77 19.39
N GLN A 149 12.34 16.50 19.10
CA GLN A 149 11.98 15.52 20.16
C GLN A 149 12.72 14.22 19.86
N TYR A 150 13.01 13.45 20.90
CA TYR A 150 13.52 12.08 20.72
C TYR A 150 12.77 11.13 21.66
N TYR A 151 12.86 9.86 21.30
CA TYR A 151 12.30 8.72 22.04
C TYR A 151 13.44 7.74 22.24
N ASP A 152 13.65 7.37 23.49
CA ASP A 152 14.71 6.46 23.95
C ASP A 152 14.02 5.15 24.36
N ARG A 153 14.12 4.12 23.53
CA ARG A 153 13.38 2.84 23.71
C ARG A 153 11.90 3.18 23.96
N SER A 154 11.38 4.07 23.11
CA SER A 154 9.95 4.48 22.99
C SER A 154 9.60 5.60 23.98
N VAL A 155 10.47 5.92 24.94
CA VAL A 155 10.14 6.90 26.02
C VAL A 155 10.52 8.30 25.56
N PRO A 156 9.58 9.28 25.60
CA PRO A 156 9.90 10.62 25.17
C PRO A 156 10.93 11.31 26.05
N GLY A 157 11.79 12.11 25.42
CA GLY A 157 12.61 13.08 26.16
C GLY A 157 11.86 14.38 26.28
N LYS A 158 12.59 15.50 26.37
CA LYS A 158 11.96 16.83 26.51
C LYS A 158 12.01 17.54 25.15
N LEU A 159 10.85 17.99 24.69
CA LEU A 159 10.75 18.77 23.43
C LEU A 159 11.67 19.98 23.55
N LYS A 160 12.45 20.24 22.51
CA LYS A 160 13.39 21.39 22.49
C LYS A 160 13.02 22.31 21.33
N GLN A 161 12.95 23.61 21.60
CA GLN A 161 12.76 24.63 20.54
C GLN A 161 14.11 24.99 19.94
N GLY A 162 14.22 24.98 18.61
CA GLY A 162 15.45 25.32 17.87
C GLY A 162 15.37 26.71 17.25
N GLY A 163 15.98 26.87 16.07
CA GLY A 163 16.10 28.16 15.37
C GLY A 163 14.81 28.56 14.66
N GLU A 164 14.76 29.80 14.19
CA GLU A 164 13.61 30.34 13.42
C GLU A 164 13.64 29.74 12.03
N THR A 165 12.46 29.61 11.42
CA THR A 165 12.25 29.13 10.03
C THR A 165 10.81 29.50 9.61
N LYS A 166 10.62 29.85 8.34
CA LYS A 166 9.26 30.05 7.76
C LYS A 166 8.78 28.73 7.17
N GLU A 167 9.65 27.71 7.07
CA GLU A 167 9.29 26.40 6.46
C GLU A 167 8.41 25.62 7.44
N THR A 168 7.63 24.70 6.88
CA THR A 168 6.84 23.74 7.67
C THR A 168 7.10 22.33 7.14
N GLY A 169 7.07 21.36 8.04
CA GLY A 169 7.16 19.94 7.69
C GLY A 169 7.66 19.11 8.83
N THR A 170 7.94 17.85 8.54
CA THR A 170 8.27 16.79 9.53
C THR A 170 9.43 15.98 8.99
N THR A 171 10.45 15.76 9.83
CA THR A 171 11.47 14.73 9.61
C THR A 171 11.38 13.70 10.73
N ILE A 172 11.32 12.43 10.36
CA ILE A 172 11.36 11.29 11.32
C ILE A 172 12.60 10.48 11.00
N ARG A 173 13.42 10.19 12.00
CA ARG A 173 14.57 9.26 11.87
C ARG A 173 14.42 8.18 12.93
N PHE A 174 14.48 6.91 12.53
CA PHE A 174 14.29 5.79 13.47
C PHE A 174 15.35 4.73 13.25
N TRP A 175 15.70 4.09 14.37
CA TRP A 175 16.67 2.98 14.46
C TRP A 175 15.91 1.71 14.83
N ALA A 176 15.62 0.86 13.85
CA ALA A 176 14.93 -0.44 14.07
C ALA A 176 15.68 -1.25 15.14
N ASP A 177 14.95 -1.83 16.06
CA ASP A 177 15.48 -2.55 17.24
C ASP A 177 15.97 -3.93 16.83
N PRO A 178 17.29 -4.23 16.92
CA PRO A 178 17.81 -5.55 16.54
C PRO A 178 17.38 -6.70 17.45
N GLU A 179 16.83 -6.39 18.62
N GLU A 179 16.85 -6.39 18.63
CA GLU A 179 16.28 -7.39 19.56
CA GLU A 179 16.28 -7.39 19.56
C GLU A 179 14.87 -7.81 19.09
C GLU A 179 14.89 -7.83 19.07
N ILE A 180 14.22 -7.01 18.25
CA ILE A 180 12.89 -7.34 17.66
C ILE A 180 13.10 -8.04 16.31
N PHE A 181 13.94 -7.45 15.44
CA PHE A 181 14.08 -7.88 14.03
C PHE A 181 15.21 -8.89 13.85
N GLU A 182 14.92 -9.95 13.11
CA GLU A 182 15.90 -11.00 12.71
C GLU A 182 16.99 -10.35 11.84
N THR A 183 16.61 -9.38 11.01
CA THR A 183 17.54 -8.56 10.19
C THR A 183 17.08 -7.09 10.27
N THR A 184 18.03 -6.15 10.29
CA THR A 184 17.74 -4.71 10.12
C THR A 184 18.32 -4.24 8.78
N ASP A 185 18.68 -5.16 7.90
CA ASP A 185 19.30 -4.87 6.56
C ASP A 185 18.19 -4.54 5.55
N TYR A 186 17.78 -3.28 5.44
CA TYR A 186 16.80 -2.83 4.43
C TYR A 186 17.30 -3.19 3.02
N ASN A 187 16.37 -3.49 2.12
CA ASN A 187 16.64 -3.80 0.69
C ASN A 187 16.31 -2.56 -0.15
N PHE A 188 17.32 -1.94 -0.75
CA PHE A 188 17.16 -0.71 -1.56
C PHE A 188 16.10 -0.92 -2.65
N GLU A 189 16.13 -2.06 -3.34
CA GLU A 189 15.22 -2.31 -4.49
C GLU A 189 13.79 -2.44 -3.94
N THR A 190 13.62 -3.06 -2.77
CA THR A 190 12.27 -3.18 -2.13
C THR A 190 11.74 -1.77 -1.85
N VAL A 191 12.57 -0.90 -1.29
CA VAL A 191 12.15 0.48 -0.93
C VAL A 191 11.90 1.28 -2.21
N ALA A 192 12.80 1.19 -3.20
CA ALA A 192 12.65 1.89 -4.50
C ALA A 192 11.33 1.49 -5.15
N ARG A 193 11.01 0.19 -5.20
CA ARG A 193 9.76 -0.32 -5.83
C ARG A 193 8.55 0.39 -5.19
N ARG A 194 8.49 0.44 -3.86
CA ARG A 194 7.28 0.99 -3.18
C ARG A 194 7.24 2.52 -3.39
N LEU A 195 8.36 3.22 -3.28
CA LEU A 195 8.37 4.68 -3.48
C LEU A 195 7.96 5.01 -4.94
N GLN A 196 8.37 4.18 -5.89
CA GLN A 196 8.01 4.35 -7.32
C GLN A 196 6.48 4.24 -7.47
N GLU A 197 5.85 3.26 -6.82
CA GLU A 197 4.38 3.10 -6.83
C GLU A 197 3.72 4.39 -6.32
N MET A 198 4.19 4.90 -5.18
CA MET A 198 3.59 6.10 -4.56
C MET A 198 3.68 7.28 -5.53
N ALA A 199 4.81 7.44 -6.23
CA ALA A 199 4.98 8.53 -7.20
C ALA A 199 4.05 8.33 -8.41
N PHE A 200 3.90 7.11 -8.92
CA PHE A 200 3.00 6.86 -10.08
C PHE A 200 1.56 7.21 -9.69
N LEU A 201 1.20 6.97 -8.42
CA LEU A 201 -0.17 7.17 -7.91
C LEU A 201 -0.42 8.65 -7.52
N ASN A 202 0.63 9.47 -7.48
CA ASN A 202 0.53 10.87 -7.03
C ASN A 202 1.38 11.72 -7.98
N LYS A 203 0.85 12.02 -9.17
CA LYS A 203 1.69 12.46 -10.31
C LYS A 203 2.28 13.87 -10.05
N GLY A 204 1.76 14.61 -9.05
CA GLY A 204 2.33 15.91 -8.64
C GLY A 204 3.50 15.78 -7.67
N LEU A 205 3.67 14.59 -7.07
CA LEU A 205 4.62 14.34 -5.95
C LEU A 205 6.02 13.99 -6.50
N THR A 206 7.06 14.45 -5.83
CA THR A 206 8.45 13.99 -6.06
C THR A 206 8.91 13.24 -4.81
N ILE A 207 9.44 12.03 -5.00
CA ILE A 207 10.09 11.28 -3.89
C ILE A 207 11.56 11.07 -4.26
N GLU A 208 12.47 11.32 -3.33
CA GLU A 208 13.92 11.06 -3.52
C GLU A 208 14.36 10.01 -2.49
N LEU A 209 15.14 9.03 -2.93
CA LEU A 209 15.69 7.95 -2.08
C LEU A 209 17.21 7.99 -2.16
N THR A 210 17.89 8.02 -1.01
CA THR A 210 19.36 7.97 -0.91
C THR A 210 19.72 6.87 0.09
N ASP A 211 20.69 6.03 -0.29
CA ASP A 211 21.23 4.95 0.57
C ASP A 211 22.72 5.24 0.80
N GLU A 212 23.07 5.58 2.05
CA GLU A 212 24.46 5.98 2.42
C GLU A 212 25.19 4.80 3.05
N ARG A 213 24.63 3.59 3.00
CA ARG A 213 25.28 2.39 3.61
C ARG A 213 26.48 1.95 2.77
N VAL A 214 27.58 1.57 3.43
CA VAL A 214 28.90 1.26 2.82
C VAL A 214 29.04 -0.26 2.59
N VAL A 247 23.32 1.08 -7.21
CA VAL A 247 22.53 2.35 -7.12
C VAL A 247 22.36 2.72 -5.64
N LYS A 248 22.61 4.00 -5.32
CA LYS A 248 22.43 4.58 -3.98
C LYS A 248 21.55 5.85 -4.04
N HIS A 249 21.04 6.24 -5.22
CA HIS A 249 20.21 7.46 -5.33
C HIS A 249 19.17 7.30 -6.45
N ARG A 250 17.89 7.49 -6.15
CA ARG A 250 16.82 7.55 -7.18
C ARG A 250 15.95 8.78 -6.94
N VAL A 251 15.41 9.33 -8.02
CA VAL A 251 14.34 10.35 -7.97
C VAL A 251 13.10 9.80 -8.68
N PHE A 252 11.97 9.80 -7.99
CA PHE A 252 10.67 9.27 -8.49
C PHE A 252 9.72 10.42 -8.71
N HIS A 253 9.40 10.70 -9.98
CA HIS A 253 8.45 11.76 -10.36
C HIS A 253 7.86 11.41 -11.72
N TYR A 254 6.55 11.15 -11.78
CA TYR A 254 5.91 10.56 -12.98
C TYR A 254 4.66 11.36 -13.34
N PRO A 255 4.82 12.48 -14.07
CA PRO A 255 3.68 13.32 -14.41
C PRO A 255 2.62 12.57 -15.23
N GLY A 256 3.01 11.48 -15.88
CA GLY A 256 2.11 10.64 -16.70
C GLY A 256 1.29 9.66 -15.88
N GLY A 257 1.49 9.58 -14.55
CA GLY A 257 0.55 8.86 -13.66
C GLY A 257 0.35 7.40 -14.05
N LEU A 258 -0.90 6.90 -13.95
CA LEU A 258 -1.20 5.44 -14.07
C LEU A 258 -0.86 4.95 -15.48
N VAL A 259 -1.07 5.76 -16.51
CA VAL A 259 -0.73 5.35 -17.91
C VAL A 259 0.76 5.01 -17.96
N ASP A 260 1.61 5.84 -17.38
CA ASP A 260 3.07 5.61 -17.40
C ASP A 260 3.43 4.44 -16.46
N TYR A 261 2.65 4.18 -15.41
CA TYR A 261 2.86 2.99 -14.54
C TYR A 261 2.65 1.73 -15.40
N VAL A 262 1.56 1.66 -16.16
CA VAL A 262 1.30 0.49 -17.04
C VAL A 262 2.42 0.38 -18.10
N LYS A 263 2.85 1.48 -18.69
CA LYS A 263 3.97 1.47 -19.68
C LYS A 263 5.19 0.81 -19.03
N HIS A 264 5.46 1.15 -17.77
CA HIS A 264 6.61 0.63 -16.99
C HIS A 264 6.41 -0.86 -16.72
N ILE A 265 5.21 -1.28 -16.31
CA ILE A 265 4.93 -2.72 -16.02
C ILE A 265 5.15 -3.54 -17.30
N ASN A 266 4.73 -3.02 -18.46
CA ASN A 266 4.77 -3.80 -19.72
C ASN A 266 6.13 -3.68 -20.42
N ARG A 267 7.09 -2.94 -19.85
CA ARG A 267 8.36 -2.62 -20.56
C ARG A 267 9.10 -3.92 -20.94
N THR A 268 9.00 -4.99 -20.14
CA THR A 268 9.69 -6.28 -20.43
C THR A 268 8.73 -7.32 -21.03
N LYS A 269 7.48 -6.97 -21.34
CA LYS A 269 6.43 -8.00 -21.50
C LYS A 269 5.84 -8.02 -22.91
N THR A 270 6.16 -7.04 -23.76
CA THR A 270 5.71 -6.92 -25.19
C THR A 270 4.20 -6.68 -25.26
N PRO A 271 3.75 -5.42 -25.23
CA PRO A 271 2.35 -5.09 -25.46
C PRO A 271 1.81 -5.76 -26.73
N ILE A 272 0.58 -6.29 -26.67
CA ILE A 272 -0.10 -6.90 -27.86
C ILE A 272 -1.12 -5.93 -28.45
N GLN A 273 -1.23 -4.72 -27.92
CA GLN A 273 -2.14 -3.66 -28.43
C GLN A 273 -1.42 -2.31 -28.34
N GLN A 274 -1.72 -1.38 -29.24
CA GLN A 274 -1.04 -0.06 -29.31
C GLN A 274 -1.54 0.83 -28.15
N SER A 275 -2.79 0.69 -27.72
CA SER A 275 -3.39 1.59 -26.70
C SER A 275 -3.05 1.14 -25.28
N ILE A 276 -3.06 2.12 -24.38
CA ILE A 276 -3.26 1.86 -22.92
C ILE A 276 -4.68 2.33 -22.60
N ILE A 277 -5.51 1.43 -22.08
CA ILE A 277 -6.89 1.76 -21.64
C ILE A 277 -6.76 2.56 -20.35
N ASP A 278 -7.46 3.69 -20.26
N ASP A 278 -7.42 3.70 -20.27
CA ASP A 278 -7.42 4.55 -19.05
CA ASP A 278 -7.41 4.54 -19.04
C ASP A 278 -8.76 5.24 -18.89
C ASP A 278 -8.78 5.20 -18.91
N PHE A 279 -9.38 5.08 -17.72
CA PHE A 279 -10.69 5.68 -17.41
C PHE A 279 -10.81 5.88 -15.91
N ASP A 280 -11.79 6.70 -15.54
CA ASP A 280 -12.07 6.99 -14.11
C ASP A 280 -13.57 7.11 -13.91
N GLY A 281 -13.94 7.18 -12.64
CA GLY A 281 -15.35 7.27 -12.23
C GLY A 281 -15.41 7.82 -10.82
N LYS A 282 -16.58 8.33 -10.46
CA LYS A 282 -16.76 9.07 -9.20
C LYS A 282 -18.13 8.66 -8.66
N GLY A 283 -18.22 8.47 -7.35
CA GLY A 283 -19.49 8.23 -6.64
C GLY A 283 -19.42 8.92 -5.29
N PRO A 284 -20.48 8.84 -4.48
CA PRO A 284 -20.47 9.45 -3.15
C PRO A 284 -19.39 8.80 -2.27
N GLY A 285 -18.36 9.57 -1.91
CA GLY A 285 -17.27 9.15 -1.01
C GLY A 285 -16.19 8.33 -1.69
N HIS A 286 -16.18 8.20 -3.01
CA HIS A 286 -15.15 7.35 -3.67
C HIS A 286 -14.94 7.73 -5.14
N GLU A 287 -13.72 7.49 -5.60
CA GLU A 287 -13.30 7.64 -7.00
C GLU A 287 -12.43 6.45 -7.37
N VAL A 288 -12.32 6.17 -8.67
CA VAL A 288 -11.39 5.13 -9.16
C VAL A 288 -10.78 5.61 -10.48
N GLU A 289 -9.48 5.41 -10.64
N GLU A 289 -9.50 5.33 -10.68
CA GLU A 289 -8.79 5.45 -11.96
CA GLU A 289 -8.87 5.47 -12.01
C GLU A 289 -8.28 4.04 -12.25
C GLU A 289 -8.17 4.14 -12.31
N ILE A 290 -8.43 3.61 -13.50
CA ILE A 290 -7.90 2.31 -13.95
C ILE A 290 -7.13 2.56 -15.24
N ALA A 291 -5.91 2.05 -15.30
CA ALA A 291 -5.15 1.94 -16.55
C ALA A 291 -4.82 0.47 -16.77
N MET A 292 -4.85 0.01 -18.03
CA MET A 292 -4.60 -1.41 -18.32
C MET A 292 -4.15 -1.59 -19.76
N GLN A 293 -3.38 -2.65 -19.99
CA GLN A 293 -2.85 -3.01 -21.32
C GLN A 293 -2.43 -4.47 -21.28
N TRP A 294 -2.84 -5.24 -22.28
CA TRP A 294 -2.42 -6.65 -22.40
C TRP A 294 -1.06 -6.77 -23.09
N ASN A 295 -0.32 -7.81 -22.73
CA ASN A 295 1.03 -8.12 -23.26
C ASN A 295 1.03 -9.57 -23.76
N ALA A 296 2.15 -10.01 -24.31
CA ALA A 296 2.36 -11.33 -24.96
C ALA A 296 2.71 -12.41 -23.93
N GLY A 297 2.84 -12.05 -22.66
CA GLY A 297 3.35 -12.93 -21.60
C GLY A 297 2.24 -13.70 -20.91
N TYR A 298 2.60 -14.49 -19.90
CA TYR A 298 1.74 -15.54 -19.29
C TYR A 298 1.49 -15.21 -17.81
N SER A 299 1.85 -14.00 -17.37
CA SER A 299 1.74 -13.55 -15.96
C SER A 299 0.58 -12.56 -15.83
N GLU A 300 -0.06 -12.53 -14.67
CA GLU A 300 -1.06 -11.49 -14.29
C GLU A 300 -0.31 -10.41 -13.53
N SER A 301 -0.35 -9.17 -13.99
CA SER A 301 0.36 -8.03 -13.35
C SER A 301 -0.66 -6.96 -12.97
N VAL A 302 -1.58 -7.31 -12.07
CA VAL A 302 -2.65 -6.39 -11.63
C VAL A 302 -2.25 -5.85 -10.25
N HIS A 303 -2.05 -4.54 -10.17
CA HIS A 303 -1.62 -3.82 -8.94
C HIS A 303 -2.81 -2.99 -8.48
N THR A 304 -3.25 -3.17 -7.24
CA THR A 304 -4.44 -2.48 -6.69
C THR A 304 -4.05 -1.64 -5.48
N PHE A 305 -4.70 -0.49 -5.36
CA PHE A 305 -4.37 0.56 -4.37
C PHE A 305 -5.64 1.21 -3.86
N ALA A 306 -5.58 1.64 -2.61
CA ALA A 306 -6.62 2.50 -2.02
C ALA A 306 -5.93 3.60 -1.21
N ASN A 307 -6.15 4.87 -1.59
CA ASN A 307 -5.55 6.04 -0.91
C ASN A 307 -4.03 5.85 -0.90
N THR A 308 -3.49 5.29 -1.98
CA THR A 308 -2.04 5.07 -2.29
C THR A 308 -1.51 3.80 -1.60
N ILE A 309 -2.22 3.26 -0.60
CA ILE A 309 -1.85 1.99 0.08
C ILE A 309 -1.89 0.86 -0.94
N ASN A 310 -0.86 0.02 -0.96
CA ASN A 310 -0.77 -1.16 -1.83
C ASN A 310 -1.55 -2.29 -1.17
N THR A 311 -2.76 -2.55 -1.66
CA THR A 311 -3.60 -3.66 -1.19
C THR A 311 -3.13 -4.93 -1.92
N HIS A 312 -1.98 -5.49 -1.52
CA HIS A 312 -1.29 -6.63 -2.18
C HIS A 312 -2.24 -7.81 -2.41
N GLU A 313 -3.16 -8.07 -1.48
N GLU A 313 -3.16 -8.07 -1.48
CA GLU A 313 -4.06 -9.26 -1.53
CA GLU A 313 -4.05 -9.27 -1.53
C GLU A 313 -5.41 -8.87 -2.12
C GLU A 313 -5.41 -8.87 -2.11
N GLY A 314 -5.53 -7.66 -2.54
CA GLY A 314 -6.67 -7.13 -3.32
C GLY A 314 -7.82 -6.66 -2.46
N GLY A 315 -8.98 -7.30 -2.61
CA GLY A 315 -10.21 -6.89 -1.90
C GLY A 315 -11.32 -6.43 -2.83
N THR A 316 -12.22 -5.59 -2.32
CA THR A 316 -13.51 -5.28 -2.99
C THR A 316 -13.30 -4.55 -4.33
N HIS A 317 -12.31 -3.67 -4.43
CA HIS A 317 -12.02 -2.95 -5.71
C HIS A 317 -11.50 -3.92 -6.77
N GLU A 318 -10.64 -4.86 -6.38
CA GLU A 318 -10.12 -5.88 -7.32
C GLU A 318 -11.26 -6.82 -7.72
N GLU A 319 -12.13 -7.17 -6.76
N GLU A 319 -12.12 -7.18 -6.75
CA GLU A 319 -13.25 -8.10 -7.04
CA GLU A 319 -13.27 -8.09 -7.00
C GLU A 319 -14.23 -7.44 -8.02
C GLU A 319 -14.20 -7.44 -8.04
N GLY A 320 -14.55 -6.16 -7.84
CA GLY A 320 -15.43 -5.42 -8.76
C GLY A 320 -14.84 -5.38 -10.15
N PHE A 321 -13.56 -5.01 -10.24
CA PHE A 321 -12.79 -4.98 -11.50
C PHE A 321 -12.89 -6.35 -12.19
N ARG A 322 -12.58 -7.43 -11.45
CA ARG A 322 -12.47 -8.78 -12.05
C ARG A 322 -13.83 -9.20 -12.59
N ALA A 323 -14.88 -8.93 -11.82
CA ALA A 323 -16.26 -9.32 -12.17
C ALA A 323 -16.64 -8.63 -13.49
N ALA A 324 -16.42 -7.31 -13.57
CA ALA A 324 -16.74 -6.48 -14.77
C ALA A 324 -15.95 -7.01 -15.98
N LEU A 325 -14.64 -7.23 -15.81
CA LEU A 325 -13.76 -7.56 -16.94
C LEU A 325 -14.21 -8.89 -17.54
N THR A 326 -14.47 -9.90 -16.69
CA THR A 326 -14.86 -11.25 -17.18
C THR A 326 -16.21 -11.12 -17.90
N SER A 327 -17.14 -10.35 -17.32
CA SER A 327 -18.48 -10.13 -17.93
C SER A 327 -18.33 -9.44 -19.30
N VAL A 328 -17.59 -8.33 -19.38
CA VAL A 328 -17.48 -7.51 -20.64
C VAL A 328 -16.84 -8.36 -21.73
N VAL A 329 -15.73 -9.06 -21.43
CA VAL A 329 -14.96 -9.82 -22.46
C VAL A 329 -15.83 -10.97 -22.98
N ASN A 330 -16.54 -11.68 -22.10
CA ASN A 330 -17.38 -12.82 -22.53
C ASN A 330 -18.57 -12.30 -23.35
N ARG A 331 -19.20 -11.21 -22.90
CA ARG A 331 -20.35 -10.58 -23.62
C ARG A 331 -19.89 -10.15 -25.00
N TYR A 332 -18.75 -9.48 -25.06
CA TYR A 332 -18.18 -8.96 -26.32
C TYR A 332 -17.88 -10.14 -27.26
N ALA A 333 -17.14 -11.14 -26.77
CA ALA A 333 -16.72 -12.31 -27.58
C ALA A 333 -17.95 -13.04 -28.13
N LYS A 334 -19.00 -13.20 -27.32
CA LYS A 334 -20.21 -13.92 -27.79
C LYS A 334 -20.95 -13.02 -28.80
N ASP A 335 -21.12 -11.74 -28.51
CA ASP A 335 -21.82 -10.80 -29.42
C ASP A 335 -21.13 -10.83 -30.80
N LYS A 336 -19.80 -10.83 -30.82
CA LYS A 336 -19.02 -10.70 -32.08
C LYS A 336 -18.70 -12.07 -32.70
N LYS A 337 -19.18 -13.16 -32.08
CA LYS A 337 -19.03 -14.56 -32.58
C LYS A 337 -17.56 -15.00 -32.57
N LEU A 338 -16.75 -14.40 -31.70
CA LEU A 338 -15.33 -14.80 -31.51
C LEU A 338 -15.28 -16.04 -30.64
N LEU A 339 -16.32 -16.25 -29.84
CA LEU A 339 -16.50 -17.47 -29.03
C LEU A 339 -17.68 -18.20 -29.65
N LYS A 340 -17.49 -19.47 -29.98
CA LYS A 340 -18.60 -20.31 -30.49
C LYS A 340 -19.64 -20.46 -29.37
N ASP A 341 -20.93 -20.54 -29.74
CA ASP A 341 -22.04 -20.76 -28.78
C ASP A 341 -21.78 -22.05 -27.99
N LYS A 342 -21.12 -23.02 -28.62
CA LYS A 342 -20.72 -24.31 -27.99
C LYS A 342 -19.65 -24.03 -26.93
N ASP A 343 -18.59 -23.32 -27.33
CA ASP A 343 -17.38 -23.06 -26.51
C ASP A 343 -17.78 -22.66 -25.09
N PRO A 344 -17.03 -23.15 -24.07
CA PRO A 344 -17.19 -22.65 -22.70
C PRO A 344 -16.76 -21.18 -22.58
N ASN A 345 -17.27 -20.49 -21.57
CA ASN A 345 -16.88 -19.08 -21.31
C ASN A 345 -15.38 -19.01 -21.03
N LEU A 346 -14.78 -17.89 -21.38
CA LEU A 346 -13.41 -17.56 -20.91
C LEU A 346 -13.49 -17.33 -19.40
N THR A 347 -12.57 -17.93 -18.64
CA THR A 347 -12.43 -17.73 -17.18
C THR A 347 -11.72 -16.40 -16.90
N GLY A 348 -11.87 -15.88 -15.68
CA GLY A 348 -11.09 -14.72 -15.22
C GLY A 348 -9.61 -14.94 -15.47
N ASP A 349 -9.10 -16.14 -15.15
CA ASP A 349 -7.66 -16.46 -15.32
C ASP A 349 -7.28 -16.36 -16.79
N ASP A 350 -8.09 -16.93 -17.68
CA ASP A 350 -7.84 -16.89 -19.15
C ASP A 350 -7.70 -15.44 -19.58
N ILE A 351 -8.59 -14.57 -19.09
CA ILE A 351 -8.69 -13.16 -19.56
C ILE A 351 -7.54 -12.34 -18.98
N ARG A 352 -7.17 -12.57 -17.72
CA ARG A 352 -6.17 -11.72 -17.01
C ARG A 352 -4.75 -12.22 -17.29
N GLU A 353 -4.59 -13.38 -17.95
CA GLU A 353 -3.24 -13.84 -18.37
C GLU A 353 -2.67 -12.80 -19.35
N GLY A 354 -1.47 -12.29 -19.08
CA GLY A 354 -0.83 -11.24 -19.89
C GLY A 354 -1.45 -9.87 -19.67
N LEU A 355 -2.23 -9.67 -18.60
CA LEU A 355 -2.83 -8.34 -18.31
C LEU A 355 -1.93 -7.56 -17.34
N ALA A 356 -1.57 -6.34 -17.72
CA ALA A 356 -1.02 -5.31 -16.81
C ALA A 356 -2.18 -4.36 -16.49
N ALA A 357 -2.42 -4.11 -15.22
CA ALA A 357 -3.47 -3.16 -14.82
C ALA A 357 -3.10 -2.51 -13.50
N VAL A 358 -3.48 -1.25 -13.37
CA VAL A 358 -3.39 -0.53 -12.09
C VAL A 358 -4.78 -0.03 -11.73
N ILE A 359 -5.24 -0.37 -10.52
N ILE A 359 -5.24 -0.37 -10.52
CA ILE A 359 -6.54 0.10 -9.98
CA ILE A 359 -6.53 0.08 -9.96
C ILE A 359 -6.22 1.02 -8.80
C ILE A 359 -6.21 1.02 -8.80
N SER A 360 -6.54 2.30 -8.93
CA SER A 360 -6.29 3.28 -7.86
C SER A 360 -7.63 3.83 -7.39
N VAL A 361 -8.02 3.46 -6.18
N VAL A 361 -8.05 3.43 -6.19
CA VAL A 361 -9.29 3.95 -5.55
CA VAL A 361 -9.31 3.99 -5.61
C VAL A 361 -8.94 5.06 -4.57
C VAL A 361 -8.95 5.06 -4.57
N LYS A 362 -9.75 6.13 -4.56
CA LYS A 362 -9.68 7.17 -3.50
C LYS A 362 -10.97 6.99 -2.72
N VAL A 363 -10.89 6.91 -1.41
CA VAL A 363 -12.09 6.58 -0.59
C VAL A 363 -12.05 7.41 0.69
N ALA A 364 -13.15 8.10 1.01
CA ALA A 364 -13.22 8.97 2.19
C ALA A 364 -13.12 8.13 3.47
N GLU A 365 -13.76 6.95 3.48
CA GLU A 365 -13.86 6.08 4.68
C GLU A 365 -13.37 4.69 4.33
N PRO A 366 -12.05 4.50 4.14
CA PRO A 366 -11.50 3.18 3.86
C PRO A 366 -11.73 2.20 5.02
N GLN A 367 -11.95 0.93 4.66
CA GLN A 367 -11.90 -0.26 5.54
C GLN A 367 -10.76 -1.13 5.06
N PHE A 368 -9.60 -1.08 5.74
CA PHE A 368 -8.47 -1.97 5.43
C PHE A 368 -8.45 -3.18 6.35
N GLU A 369 -7.97 -4.29 5.82
CA GLU A 369 -7.72 -5.50 6.64
C GLU A 369 -6.39 -5.35 7.38
N GLY A 370 -6.48 -5.19 8.69
CA GLY A 370 -5.31 -5.11 9.59
C GLY A 370 -4.49 -3.85 9.38
N GLN A 371 -3.44 -3.72 10.20
CA GLN A 371 -2.47 -2.61 10.11
C GLN A 371 -1.59 -2.76 8.85
N THR A 372 -1.37 -3.98 8.33
CA THR A 372 -0.59 -4.20 7.09
C THR A 372 -1.44 -3.85 5.86
N LYS A 373 -2.75 -3.70 6.02
CA LYS A 373 -3.67 -3.14 4.99
C LYS A 373 -3.53 -3.91 3.68
N THR A 374 -3.55 -5.26 3.73
CA THR A 374 -3.32 -6.13 2.55
C THR A 374 -4.56 -6.14 1.65
N LYS A 375 -5.73 -5.79 2.18
CA LYS A 375 -7.01 -5.87 1.42
C LYS A 375 -7.88 -4.65 1.73
N LEU A 376 -8.62 -4.19 0.71
CA LEU A 376 -9.71 -3.21 0.89
C LEU A 376 -10.99 -3.99 1.18
N GLY A 377 -11.68 -3.60 2.24
CA GLY A 377 -12.91 -4.30 2.70
C GLY A 377 -14.22 -3.62 2.32
N ASN A 378 -14.23 -2.37 1.88
CA ASN A 378 -15.47 -1.58 1.65
C ASN A 378 -16.41 -2.34 0.71
N THR A 379 -17.55 -2.82 1.20
CA THR A 379 -18.54 -3.58 0.38
C THR A 379 -19.04 -2.68 -0.76
N GLU A 380 -19.27 -1.38 -0.50
CA GLU A 380 -19.86 -0.45 -1.50
C GLU A 380 -18.86 -0.18 -2.64
N VAL A 381 -17.57 -0.36 -2.40
CA VAL A 381 -16.54 -0.11 -3.45
C VAL A 381 -16.59 -1.22 -4.51
N LYS A 382 -17.07 -2.41 -4.16
CA LYS A 382 -17.16 -3.53 -5.15
C LYS A 382 -18.14 -3.12 -6.26
N SER A 383 -19.38 -2.78 -5.93
CA SER A 383 -20.41 -2.48 -6.96
C SER A 383 -20.02 -1.19 -7.68
N PHE A 384 -19.40 -0.23 -6.99
CA PHE A 384 -18.94 1.05 -7.61
C PHE A 384 -17.91 0.73 -8.70
N VAL A 385 -16.84 0.01 -8.37
CA VAL A 385 -15.75 -0.28 -9.35
C VAL A 385 -16.34 -1.15 -10.47
N GLN A 386 -17.17 -2.13 -10.10
CA GLN A 386 -17.78 -3.04 -11.10
C GLN A 386 -18.59 -2.22 -12.12
N LYS A 387 -19.38 -1.26 -11.63
CA LYS A 387 -20.25 -0.39 -12.47
C LYS A 387 -19.42 0.42 -13.45
N ILE A 388 -18.38 1.09 -12.97
CA ILE A 388 -17.52 1.98 -13.81
C ILE A 388 -16.79 1.12 -14.85
N CYS A 389 -16.24 -0.02 -14.42
CA CYS A 389 -15.52 -0.94 -15.33
C CYS A 389 -16.48 -1.50 -16.38
N ASN A 390 -17.67 -1.94 -15.97
CA ASN A 390 -18.69 -2.45 -16.92
C ASN A 390 -18.91 -1.39 -18.02
N GLU A 391 -19.22 -0.15 -17.63
CA GLU A 391 -19.56 0.96 -18.57
C GLU A 391 -18.35 1.28 -19.47
N GLN A 392 -17.18 1.49 -18.88
CA GLN A 392 -15.99 2.01 -19.60
C GLN A 392 -15.36 0.91 -20.47
N LEU A 393 -15.25 -0.31 -19.96
CA LEU A 393 -14.69 -1.43 -20.76
C LEU A 393 -15.63 -1.83 -21.89
N GLN A 394 -16.95 -1.83 -21.65
CA GLN A 394 -17.89 -2.16 -22.76
C GLN A 394 -17.67 -1.14 -23.87
N HIS A 395 -17.60 0.14 -23.53
CA HIS A 395 -17.39 1.24 -24.52
C HIS A 395 -16.06 1.02 -25.24
N TRP A 396 -14.98 0.76 -24.50
CA TRP A 396 -13.64 0.63 -25.11
C TRP A 396 -13.63 -0.55 -26.10
N PHE A 397 -14.12 -1.70 -25.70
CA PHE A 397 -14.15 -2.94 -26.55
C PHE A 397 -14.90 -2.62 -27.85
N GLU A 398 -16.09 -2.02 -27.73
N GLU A 398 -16.08 -2.01 -27.74
CA GLU A 398 -16.95 -1.67 -28.89
CA GLU A 398 -16.94 -1.68 -28.91
C GLU A 398 -16.19 -0.71 -29.83
C GLU A 398 -16.20 -0.71 -29.83
N ALA A 399 -15.49 0.27 -29.28
CA ALA A 399 -14.86 1.38 -30.04
C ALA A 399 -13.52 0.97 -30.66
N ASN A 400 -12.94 -0.18 -30.29
CA ASN A 400 -11.55 -0.55 -30.64
C ASN A 400 -11.51 -2.00 -31.14
N PRO A 401 -12.24 -2.33 -32.23
CA PRO A 401 -12.32 -3.73 -32.68
C PRO A 401 -10.98 -4.44 -32.96
N ALA A 402 -10.00 -3.76 -33.56
CA ALA A 402 -8.70 -4.39 -33.92
C ALA A 402 -8.00 -4.83 -32.63
N GLU A 403 -7.91 -3.94 -31.64
CA GLU A 403 -7.24 -4.27 -30.35
C GLU A 403 -8.10 -5.28 -29.59
N ALA A 404 -9.42 -5.08 -29.53
CA ALA A 404 -10.35 -5.98 -28.82
C ALA A 404 -10.21 -7.39 -29.41
N LYS A 405 -10.15 -7.50 -30.73
CA LYS A 405 -10.04 -8.82 -31.40
C LYS A 405 -8.74 -9.51 -30.96
N THR A 406 -7.62 -8.78 -30.93
CA THR A 406 -6.31 -9.34 -30.52
C THR A 406 -6.38 -9.82 -29.07
N VAL A 407 -6.98 -9.06 -28.17
CA VAL A 407 -7.12 -9.44 -26.73
C VAL A 407 -7.99 -10.71 -26.65
N VAL A 408 -9.10 -10.77 -27.37
CA VAL A 408 -9.98 -11.97 -27.29
C VAL A 408 -9.22 -13.15 -27.88
N ASN A 409 -8.55 -12.96 -29.02
CA ASN A 409 -7.67 -13.99 -29.65
C ASN A 409 -6.70 -14.55 -28.61
N LYS A 410 -5.99 -13.67 -27.90
CA LYS A 410 -5.00 -14.04 -26.85
C LYS A 410 -5.68 -14.96 -25.83
N ALA A 411 -6.81 -14.50 -25.28
CA ALA A 411 -7.54 -15.20 -24.20
C ALA A 411 -8.02 -16.56 -24.72
N VAL A 412 -8.60 -16.62 -25.93
CA VAL A 412 -9.10 -17.89 -26.51
C VAL A 412 -7.92 -18.82 -26.81
N SER A 413 -7.00 -18.36 -27.67
CA SER A 413 -5.96 -19.20 -28.34
C SER A 413 -5.16 -19.90 -27.24
N SER A 414 -4.91 -19.17 -26.17
CA SER A 414 -4.27 -19.67 -24.92
C SER A 414 -5.10 -20.81 -24.33
N ALA A 415 -6.30 -20.49 -23.81
CA ALA A 415 -7.23 -21.48 -23.22
C ALA A 415 -7.32 -22.71 -24.11
N GLN A 416 -7.45 -22.52 -25.42
CA GLN A 416 -7.58 -23.61 -26.43
C GLN A 416 -6.31 -24.47 -26.45
N ALA A 417 -5.14 -23.83 -26.44
CA ALA A 417 -3.85 -24.53 -26.43
C ALA A 417 -3.68 -25.30 -25.11
N ARG A 418 -4.04 -24.68 -23.97
N ARG A 418 -4.05 -24.69 -23.99
CA ARG A 418 -3.90 -25.30 -22.63
CA ARG A 418 -3.90 -25.30 -22.64
C ARG A 418 -4.74 -26.58 -22.57
C ARG A 418 -4.73 -26.58 -22.58
N ILE A 419 -5.95 -26.54 -23.13
CA ILE A 419 -6.89 -27.69 -23.08
C ILE A 419 -6.36 -28.80 -24.00
N ALA A 420 -5.87 -28.45 -25.19
CA ALA A 420 -5.37 -29.45 -26.18
C ALA A 420 -4.17 -30.19 -25.57
N ALA A 421 -3.30 -29.47 -24.87
CA ALA A 421 -2.15 -30.08 -24.19
C ALA A 421 -2.65 -31.00 -23.07
N ARG A 422 -3.59 -30.52 -22.25
CA ARG A 422 -4.11 -31.30 -21.10
C ARG A 422 -4.71 -32.64 -21.58
N LYS A 423 -5.43 -32.62 -22.70
CA LYS A 423 -6.10 -33.80 -23.30
C LYS A 423 -5.08 -34.78 -23.89
N ALA A 424 -3.86 -34.31 -24.19
CA ALA A 424 -2.74 -35.14 -24.74
C ALA A 424 -1.90 -35.73 -23.61
N ARG A 425 -2.25 -35.45 -22.35
CA ARG A 425 -1.52 -35.98 -21.16
C ARG A 425 -1.74 -37.49 -21.09
N GLU A 426 -0.65 -38.26 -20.94
CA GLU A 426 -0.64 -39.73 -20.73
C GLU A 426 0.31 -40.07 -19.57
#